data_6F4D
#
_entry.id   6F4D
#
_cell.length_a   102.970
_cell.length_b   49.170
_cell.length_c   69.390
_cell.angle_alpha   90.000
_cell.angle_beta   107.790
_cell.angle_gamma   90.000
#
_symmetry.space_group_name_H-M   'C 1 2 1'
#
loop_
_entity.id
_entity.type
_entity.pdbx_description
1 polymer 'Quinolinate synthase A'
2 non-polymer 'IRON/SULFUR CLUSTER'
3 non-polymer 'PHOSPHOGLYCOLOHYDROXAMIC ACID'
4 non-polymer 'PHOSPHATE ION'
5 non-polymer 'CHLORIDE ION'
6 water water
#
_entity_poly.entity_id   1
_entity_poly.type   'polypeptide(L)'
_entity_poly.pdbx_seq_one_letter_code
;MHHHHHHMVDEILKLKKEKGYIILAHNFQIPELQDIADFVGDSLQLARKAMELSEKKILFLGVDFMAELVKILNPDKKVI
VPDRSATCPMANRLTPEIIREYREKFPDAPVVLYVNSTSECKTLADVICTSANAVEVVKKLDSSVVIFGPDRNLGEYVAE
KTGKKVITIPENGHCPVHQFNAESIDAVRKKYPDAKVIVHPECPKPVRDKADYVGSTGQMEKIPERDPSRIFVIGTEIGM
IHKLKKKFPDREFVPLEMAVCVNMKKNTLENTLHALQTESFEVILPKEVIEKAKKPILRMFELMG
;
_entity_poly.pdbx_strand_id   A
#
loop_
_chem_comp.id
_chem_comp.type
_chem_comp.name
_chem_comp.formula
CL non-polymer 'CHLORIDE ION' 'Cl -1'
PGH non-polymer 'PHOSPHOGLYCOLOHYDROXAMIC ACID' 'C2 H6 N O6 P'
PO4 non-polymer 'PHOSPHATE ION' 'O4 P -3'
SF4 non-polymer 'IRON/SULFUR CLUSTER' 'Fe4 S4'
#
# COMPACT_ATOMS: atom_id res chain seq x y z
N HIS A 2 3.04 6.94 -27.74
CA HIS A 2 2.73 7.11 -29.19
C HIS A 2 1.90 8.36 -29.50
N HIS A 3 0.80 8.24 -30.25
CA HIS A 3 0.01 9.40 -30.63
C HIS A 3 -1.30 9.44 -29.89
N HIS A 4 -1.92 8.29 -29.68
CA HIS A 4 -3.18 8.30 -28.96
C HIS A 4 -2.99 8.51 -27.47
N HIS A 5 -1.94 7.93 -26.91
CA HIS A 5 -1.65 8.13 -25.51
C HIS A 5 -1.23 9.57 -25.26
N HIS A 6 -0.66 10.19 -26.28
CA HIS A 6 -0.30 11.59 -26.20
C HIS A 6 -1.47 12.53 -26.00
N HIS A 7 -2.58 12.25 -26.67
CA HIS A 7 -3.74 13.13 -26.52
C HIS A 7 -4.33 12.99 -25.11
N MET A 8 -4.47 11.75 -24.67
CA MET A 8 -5.00 11.49 -23.35
C MET A 8 -4.16 12.12 -22.26
N VAL A 9 -2.84 12.00 -22.38
CA VAL A 9 -1.93 12.57 -21.39
C VAL A 9 -2.12 14.07 -21.29
N ASP A 10 -2.11 14.72 -22.45
CA ASP A 10 -2.24 16.16 -22.52
C ASP A 10 -3.55 16.68 -21.88
N GLU A 11 -4.66 15.99 -22.17
CA GLU A 11 -5.94 16.40 -21.62
C GLU A 11 -6.01 16.19 -20.11
N ILE A 12 -5.47 15.07 -19.64
CA ILE A 12 -5.43 14.79 -18.21
C ILE A 12 -4.76 15.95 -17.46
N LEU A 13 -3.65 16.44 -18.01
CA LEU A 13 -2.88 17.49 -17.34
C LEU A 13 -3.60 18.83 -17.41
N LYS A 14 -4.25 19.11 -18.52
CA LYS A 14 -5.08 20.30 -18.68
CA LYS A 14 -5.05 20.32 -18.65
C LYS A 14 -6.25 20.28 -17.69
N LEU A 15 -6.98 19.16 -17.67
CA LEU A 15 -8.19 19.04 -16.83
C LEU A 15 -7.92 19.08 -15.34
N LYS A 16 -6.87 18.38 -14.93
CA LYS A 16 -6.40 18.43 -13.56
C LYS A 16 -6.13 19.88 -13.12
N LYS A 17 -5.39 20.61 -13.97
CA LYS A 17 -5.05 22.00 -13.69
C LYS A 17 -6.32 22.85 -13.65
N GLU A 18 -7.11 22.72 -14.71
CA GLU A 18 -8.33 23.49 -14.88
C GLU A 18 -9.33 23.34 -13.71
N LYS A 19 -9.42 22.14 -13.13
CA LYS A 19 -10.47 21.83 -12.15
C LYS A 19 -10.04 21.80 -10.70
N GLY A 20 -8.76 22.06 -10.45
CA GLY A 20 -8.20 22.05 -9.08
C GLY A 20 -8.02 20.66 -8.45
N TYR A 21 -7.69 19.67 -9.26
CA TYR A 21 -7.36 18.33 -8.78
C TYR A 21 -5.87 18.20 -8.49
N ILE A 22 -5.57 17.41 -7.45
CA ILE A 22 -4.26 16.84 -7.24
C ILE A 22 -4.45 15.34 -7.50
N ILE A 23 -3.50 14.74 -8.23
CA ILE A 23 -3.58 13.32 -8.55
C ILE A 23 -2.56 12.62 -7.65
N LEU A 24 -3.02 11.61 -6.93
CA LEU A 24 -2.17 10.83 -6.08
C LEU A 24 -2.22 9.42 -6.61
N ALA A 25 -1.06 8.76 -6.68
CA ALA A 25 -0.95 7.38 -7.17
C ALA A 25 -0.11 6.50 -6.29
N HIS A 26 -0.51 5.25 -6.17
CA HIS A 26 0.34 4.25 -5.54
C HIS A 26 1.41 3.74 -6.54
N ASN A 27 2.53 3.25 -6.00
CA ASN A 27 3.66 2.72 -6.73
C ASN A 27 3.36 1.55 -7.68
N PHE A 28 2.20 0.90 -7.57
CA PHE A 28 1.84 -0.23 -8.41
C PHE A 28 0.99 0.14 -9.61
N GLN A 29 0.67 1.43 -9.75
CA GLN A 29 -0.04 1.89 -10.94
C GLN A 29 0.86 1.77 -12.16
N ILE A 30 0.26 1.61 -13.35
CA ILE A 30 1.02 1.55 -14.59
C ILE A 30 1.89 2.80 -14.75
N PRO A 31 3.06 2.65 -15.38
CA PRO A 31 4.01 3.72 -15.64
C PRO A 31 3.39 5.00 -16.22
N GLU A 32 2.42 4.85 -17.14
CA GLU A 32 1.78 6.00 -17.82
C GLU A 32 0.97 6.86 -16.83
N LEU A 33 0.40 6.22 -15.80
CA LEU A 33 -0.34 6.95 -14.78
C LEU A 33 0.60 7.50 -13.74
N GLN A 34 1.61 6.72 -13.33
CA GLN A 34 2.65 7.28 -12.43
C GLN A 34 3.19 8.57 -13.04
N ASP A 35 3.51 8.54 -14.33
CA ASP A 35 4.08 9.70 -15.02
C ASP A 35 3.18 10.96 -15.03
N ILE A 36 1.86 10.80 -14.94
CA ILE A 36 0.94 11.95 -14.87
C ILE A 36 0.49 12.37 -13.48
N ALA A 37 0.79 11.55 -12.46
CA ALA A 37 0.44 11.89 -11.09
C ALA A 37 1.27 13.05 -10.56
N ASP A 38 0.71 13.78 -9.63
CA ASP A 38 1.45 14.77 -8.85
C ASP A 38 2.24 14.19 -7.66
N PHE A 39 1.90 12.99 -7.23
CA PHE A 39 2.59 12.35 -6.09
C PHE A 39 2.37 10.85 -6.25
N VAL A 40 3.46 10.10 -6.23
CA VAL A 40 3.44 8.66 -6.32
C VAL A 40 4.19 8.19 -5.10
N GLY A 41 3.59 7.28 -4.33
CA GLY A 41 4.28 6.74 -3.19
C GLY A 41 3.62 5.52 -2.64
N ASP A 42 4.14 5.06 -1.49
CA ASP A 42 3.61 3.90 -0.83
C ASP A 42 2.41 4.29 0.02
N SER A 43 1.85 3.33 0.74
CA SER A 43 0.62 3.58 1.53
C SER A 43 0.83 4.60 2.65
N LEU A 44 1.92 4.43 3.39
CA LEU A 44 2.26 5.41 4.44
C LEU A 44 2.46 6.82 3.88
N GLN A 45 3.24 6.93 2.81
CA GLN A 45 3.51 8.24 2.21
C GLN A 45 2.24 8.88 1.68
N LEU A 46 1.34 8.07 1.14
CA LEU A 46 0.07 8.54 0.62
C LEU A 46 -0.81 9.03 1.77
N ALA A 47 -0.77 8.32 2.89
CA ALA A 47 -1.51 8.72 4.07
C ALA A 47 -1.01 10.07 4.63
N ARG A 48 0.31 10.21 4.76
CA ARG A 48 0.90 11.46 5.23
C ARG A 48 0.58 12.57 4.25
N LYS A 49 0.72 12.31 2.96
CA LYS A 49 0.39 13.30 1.94
C LYS A 49 -1.09 13.73 2.03
N ALA A 50 -1.94 12.75 2.33
CA ALA A 50 -3.38 12.99 2.46
C ALA A 50 -3.70 14.03 3.53
N MET A 51 -2.93 14.02 4.62
CA MET A 51 -3.08 15.01 5.68
C MET A 51 -2.57 16.41 5.38
N GLU A 52 -1.64 16.57 4.44
CA GLU A 52 -1.01 17.87 4.23
C GLU A 52 -1.27 18.58 2.91
N LEU A 53 -1.83 17.90 1.95
CA LEU A 53 -2.21 18.54 0.68
C LEU A 53 -3.29 19.63 0.82
N SER A 54 -3.26 20.61 -0.08
CA SER A 54 -4.13 21.80 -0.03
C SER A 54 -5.35 21.78 -0.94
N GLU A 55 -5.27 21.04 -2.03
CA GLU A 55 -6.30 21.04 -3.07
C GLU A 55 -7.61 20.53 -2.50
N LYS A 56 -8.70 20.97 -3.07
CA LYS A 56 -10.00 20.63 -2.55
C LYS A 56 -10.50 19.34 -3.14
N LYS A 57 -9.91 18.94 -4.26
CA LYS A 57 -10.29 17.72 -4.93
C LYS A 57 -9.07 16.86 -5.22
N ILE A 58 -9.25 15.56 -5.04
CA ILE A 58 -8.20 14.58 -5.14
C ILE A 58 -8.67 13.49 -6.12
N LEU A 59 -7.84 13.17 -7.10
CA LEU A 59 -8.05 12.01 -7.92
C LEU A 59 -7.10 10.96 -7.42
N PHE A 60 -7.64 9.84 -6.97
CA PHE A 60 -6.83 8.79 -6.39
C PHE A 60 -6.70 7.58 -7.32
N LEU A 61 -5.46 7.14 -7.52
CA LEU A 61 -5.13 6.01 -8.38
C LEU A 61 -4.48 4.90 -7.55
N GLY A 62 -5.27 3.93 -7.14
CA GLY A 62 -4.78 2.78 -6.35
C GLY A 62 -5.95 1.86 -6.09
N VAL A 63 -6.04 1.30 -4.88
CA VAL A 63 -7.19 0.44 -4.55
C VAL A 63 -8.05 1.03 -3.47
N ASP A 64 -9.28 0.55 -3.41
CA ASP A 64 -10.37 1.23 -2.71
C ASP A 64 -10.00 1.59 -1.27
N PHE A 65 -9.42 0.66 -0.52
CA PHE A 65 -9.14 0.95 0.88
C PHE A 65 -8.26 2.21 1.08
N MET A 66 -7.34 2.45 0.17
CA MET A 66 -6.48 3.62 0.28
CA MET A 66 -6.43 3.60 0.18
C MET A 66 -7.25 4.86 -0.16
N ALA A 67 -8.09 4.75 -1.19
CA ALA A 67 -8.91 5.90 -1.58
C ALA A 67 -9.79 6.36 -0.41
N GLU A 68 -10.37 5.37 0.25
CA GLU A 68 -11.23 5.61 1.38
C GLU A 68 -10.47 6.20 2.57
N LEU A 69 -9.23 5.81 2.76
CA LEU A 69 -8.37 6.38 3.81
C LEU A 69 -8.18 7.86 3.52
N VAL A 70 -7.81 8.16 2.30
CA VAL A 70 -7.68 9.54 1.89
C VAL A 70 -8.95 10.34 2.21
N LYS A 71 -10.11 9.74 1.90
CA LYS A 71 -11.41 10.36 2.20
C LYS A 71 -11.66 10.53 3.69
N ILE A 72 -11.35 9.51 4.47
CA ILE A 72 -11.50 9.58 5.93
C ILE A 72 -10.70 10.75 6.54
N LEU A 73 -9.51 11.00 6.02
CA LEU A 73 -8.67 12.08 6.47
C LEU A 73 -9.04 13.41 5.82
N ASN A 74 -9.96 13.40 4.87
CA ASN A 74 -10.39 14.62 4.15
C ASN A 74 -11.90 14.59 3.87
N PRO A 75 -12.71 14.43 4.93
CA PRO A 75 -14.15 14.24 4.77
C PRO A 75 -14.89 15.39 4.04
N ASP A 76 -14.29 16.58 4.00
CA ASP A 76 -14.89 17.75 3.32
C ASP A 76 -14.24 18.07 1.98
N LYS A 77 -13.39 17.19 1.47
CA LYS A 77 -12.84 17.31 0.12
C LYS A 77 -13.47 16.22 -0.76
N LYS A 78 -13.44 16.44 -2.08
CA LYS A 78 -13.93 15.44 -3.03
C LYS A 78 -12.80 14.48 -3.41
N VAL A 79 -13.05 13.18 -3.28
CA VAL A 79 -12.11 12.16 -3.65
C VAL A 79 -12.82 11.32 -4.67
N ILE A 80 -12.21 11.20 -5.86
CA ILE A 80 -12.73 10.34 -6.91
C ILE A 80 -11.73 9.28 -7.31
N VAL A 81 -12.26 8.18 -7.84
CA VAL A 81 -11.46 7.09 -8.39
C VAL A 81 -11.97 6.72 -9.78
N PRO A 82 -11.07 6.31 -10.69
CA PRO A 82 -11.56 5.92 -12.03
C PRO A 82 -12.37 4.61 -12.07
N ASP A 83 -12.11 3.68 -11.14
CA ASP A 83 -12.77 2.38 -11.13
C ASP A 83 -13.00 1.93 -9.69
N ARG A 84 -14.26 1.90 -9.31
CA ARG A 84 -14.63 1.51 -7.93
CA ARG A 84 -14.60 1.53 -7.94
C ARG A 84 -14.39 0.05 -7.51
N SER A 85 -14.16 -0.82 -8.48
CA SER A 85 -13.97 -2.23 -8.18
C SER A 85 -12.51 -2.51 -7.92
N ALA A 86 -11.64 -1.54 -8.17
CA ALA A 86 -10.22 -1.65 -7.78
C ALA A 86 -10.11 -1.89 -6.26
N THR A 87 -9.86 -3.14 -5.88
CA THR A 87 -9.90 -3.56 -4.47
C THR A 87 -8.73 -4.51 -4.15
N CYS A 88 -8.55 -4.81 -2.86
CA CYS A 88 -7.48 -5.68 -2.40
C CYS A 88 -8.16 -6.94 -1.90
N PRO A 89 -8.06 -8.04 -2.67
CA PRO A 89 -8.71 -9.29 -2.28
C PRO A 89 -8.34 -9.84 -0.88
N MET A 90 -7.11 -9.59 -0.45
CA MET A 90 -6.63 -10.00 0.86
C MET A 90 -7.40 -9.25 1.96
N ALA A 91 -7.43 -7.93 1.82
CA ALA A 91 -8.15 -7.05 2.69
C ALA A 91 -9.60 -7.49 2.89
N ASN A 92 -10.26 -7.89 1.81
CA ASN A 92 -11.71 -8.13 1.84
C ASN A 92 -12.12 -9.41 2.56
N ARG A 93 -11.17 -10.29 2.86
CA ARG A 93 -11.45 -11.50 3.66
C ARG A 93 -11.53 -11.32 5.17
N LEU A 94 -10.98 -10.24 5.70
CA LEU A 94 -11.31 -9.87 7.08
C LEU A 94 -12.65 -9.12 7.08
N THR A 95 -13.52 -9.53 7.99
CA THR A 95 -14.86 -8.95 8.14
C THR A 95 -15.05 -8.41 9.55
N PRO A 96 -16.03 -7.53 9.74
CA PRO A 96 -16.33 -7.10 11.09
C PRO A 96 -16.73 -8.23 12.02
N GLU A 97 -17.38 -9.24 11.48
CA GLU A 97 -17.86 -10.36 12.26
C GLU A 97 -16.68 -11.18 12.81
N ILE A 98 -15.62 -11.31 12.02
CA ILE A 98 -14.41 -12.01 12.44
C ILE A 98 -13.69 -11.23 13.56
N ILE A 99 -13.58 -9.91 13.43
CA ILE A 99 -12.92 -9.11 14.45
C ILE A 99 -13.63 -9.22 15.78
N ARG A 100 -14.96 -9.13 15.73
CA ARG A 100 -15.81 -9.26 16.89
C ARG A 100 -15.57 -10.64 17.53
N GLU A 101 -15.59 -11.67 16.70
CA GLU A 101 -15.32 -13.03 17.16
C GLU A 101 -13.99 -13.13 17.90
N TYR A 102 -12.93 -12.54 17.35
CA TYR A 102 -11.59 -12.67 17.97
C TYR A 102 -11.40 -11.78 19.21
N ARG A 103 -12.08 -10.62 19.19
CA ARG A 103 -12.14 -9.78 20.41
C ARG A 103 -12.79 -10.51 21.57
N GLU A 104 -13.84 -11.27 21.28
CA GLU A 104 -14.47 -12.06 22.33
C GLU A 104 -13.63 -13.28 22.75
N LYS A 105 -12.92 -13.87 21.80
CA LYS A 105 -12.04 -15.01 22.05
C LYS A 105 -10.77 -14.63 22.83
N PHE A 106 -10.20 -13.48 22.50
CA PHE A 106 -8.97 -12.99 23.11
C PHE A 106 -9.21 -11.57 23.64
N PRO A 107 -10.03 -11.45 24.69
CA PRO A 107 -10.27 -10.14 25.32
C PRO A 107 -9.00 -9.69 25.99
N ASP A 108 -8.73 -8.38 25.95
CA ASP A 108 -7.50 -7.69 26.42
C ASP A 108 -6.67 -7.29 25.28
N ALA A 109 -6.60 -8.14 24.28
CA ALA A 109 -5.66 -7.92 23.22
C ALA A 109 -6.12 -6.80 22.28
N PRO A 110 -5.25 -5.84 22.00
CA PRO A 110 -5.60 -4.82 21.02
C PRO A 110 -5.63 -5.40 19.59
N VAL A 111 -6.51 -4.85 18.76
CA VAL A 111 -6.63 -5.21 17.38
C VAL A 111 -5.87 -4.21 16.50
N VAL A 112 -4.84 -4.70 15.81
CA VAL A 112 -4.02 -3.90 14.92
C VAL A 112 -4.35 -4.35 13.52
N LEU A 113 -4.81 -3.43 12.69
CA LEU A 113 -5.16 -3.76 11.33
C LEU A 113 -4.18 -3.14 10.37
N TYR A 114 -3.78 -3.96 9.41
CA TYR A 114 -3.00 -3.49 8.29
C TYR A 114 -3.86 -2.52 7.49
N VAL A 115 -3.24 -1.49 6.93
CA VAL A 115 -3.99 -0.49 6.15
C VAL A 115 -4.78 -1.14 5.01
N ASN A 116 -4.32 -2.30 4.50
CA ASN A 116 -5.12 -3.08 3.56
C ASN A 116 -6.23 -3.79 4.34
N SER A 117 -7.31 -3.05 4.55
CA SER A 117 -8.44 -3.50 5.34
C SER A 117 -9.62 -2.63 4.96
N THR A 118 -10.83 -3.16 5.07
CA THR A 118 -12.01 -2.34 4.75
C THR A 118 -12.11 -1.18 5.76
N SER A 119 -12.69 -0.07 5.33
CA SER A 119 -12.97 1.03 6.19
C SER A 119 -13.89 0.62 7.33
N GLU A 120 -14.89 -0.25 7.09
CA GLU A 120 -15.73 -0.80 8.18
C GLU A 120 -14.92 -1.59 9.23
N CYS A 121 -13.94 -2.37 8.77
CA CYS A 121 -13.05 -3.10 9.72
C CYS A 121 -12.22 -2.14 10.55
N LYS A 122 -11.77 -1.05 9.93
CA LYS A 122 -10.99 0.00 10.64
C LYS A 122 -11.74 0.58 11.84
N THR A 123 -13.07 0.72 11.75
CA THR A 123 -13.85 1.27 12.87
C THR A 123 -13.70 0.42 14.13
N LEU A 124 -13.38 -0.86 13.96
CA LEU A 124 -13.20 -1.77 15.09
C LEU A 124 -11.77 -1.92 15.57
N ALA A 125 -10.82 -1.29 14.90
CA ALA A 125 -9.43 -1.46 15.22
C ALA A 125 -9.01 -0.51 16.30
N ASP A 126 -8.04 -0.92 17.12
CA ASP A 126 -7.36 0.00 18.04
C ASP A 126 -6.38 0.89 17.33
N VAL A 127 -5.69 0.36 16.33
CA VAL A 127 -4.75 1.15 15.57
C VAL A 127 -4.52 0.51 14.22
N ILE A 128 -4.19 1.33 13.22
CA ILE A 128 -3.85 0.89 11.91
C ILE A 128 -2.34 0.93 11.78
N CYS A 129 -1.81 0.14 10.84
CA CYS A 129 -0.41 0.20 10.45
C CYS A 129 -0.21 -0.04 8.98
N THR A 130 0.94 0.38 8.48
CA THR A 130 1.44 -0.03 7.16
C THR A 130 2.68 -0.89 7.40
N SER A 131 3.25 -1.43 6.32
CA SER A 131 4.40 -2.33 6.42
C SER A 131 5.62 -1.61 6.95
N ALA A 132 5.78 -0.36 6.54
CA ALA A 132 6.83 0.55 6.98
C ALA A 132 6.87 0.71 8.52
N ASN A 133 5.70 0.91 9.15
CA ASN A 133 5.62 1.21 10.61
C ASN A 133 4.97 0.14 11.50
N ALA A 134 4.66 -1.04 10.96
CA ALA A 134 3.98 -2.07 11.75
C ALA A 134 4.75 -2.44 13.02
N VAL A 135 6.05 -2.70 12.87
CA VAL A 135 6.87 -3.16 14.00
C VAL A 135 6.92 -2.10 15.10
N GLU A 136 7.18 -0.84 14.70
CA GLU A 136 7.25 0.32 15.59
C GLU A 136 5.93 0.51 16.35
N VAL A 137 4.82 0.49 15.62
CA VAL A 137 3.48 0.65 16.19
C VAL A 137 3.16 -0.42 17.23
N VAL A 138 3.44 -1.67 16.88
CA VAL A 138 3.13 -2.77 17.77
C VAL A 138 4.03 -2.76 19.01
N LYS A 139 5.23 -2.20 18.89
CA LYS A 139 6.12 -2.10 20.04
C LYS A 139 5.58 -1.11 21.07
N LYS A 140 5.08 0.03 20.61
CA LYS A 140 4.53 1.02 21.52
C LYS A 140 3.20 0.65 22.22
N LEU A 141 2.50 -0.37 21.74
CA LEU A 141 1.35 -0.87 22.49
C LEU A 141 1.82 -1.60 23.76
N ASP A 142 1.16 -1.34 24.88
CA ASP A 142 1.59 -1.95 26.15
C ASP A 142 1.36 -3.45 26.24
N SER A 143 0.36 -3.97 25.56
CA SER A 143 0.07 -5.41 25.54
C SER A 143 1.17 -6.24 24.87
N SER A 144 1.44 -7.43 25.41
CA SER A 144 2.39 -8.34 24.80
C SER A 144 1.70 -9.37 23.88
N VAL A 145 0.35 -9.35 23.84
CA VAL A 145 -0.43 -10.11 22.86
C VAL A 145 -1.26 -9.14 22.03
N VAL A 146 -1.15 -9.24 20.70
CA VAL A 146 -2.00 -8.48 19.79
C VAL A 146 -2.69 -9.39 18.79
N ILE A 147 -3.79 -8.86 18.25
CA ILE A 147 -4.55 -9.47 17.19
C ILE A 147 -4.20 -8.63 16.00
N PHE A 148 -3.91 -9.30 14.89
CA PHE A 148 -3.40 -8.62 13.71
C PHE A 148 -4.02 -9.22 12.45
N GLY A 149 -4.33 -8.36 11.49
CA GLY A 149 -4.77 -8.84 10.21
C GLY A 149 -4.93 -7.69 9.22
N PRO A 150 -5.32 -8.01 7.98
CA PRO A 150 -5.54 -9.37 7.46
C PRO A 150 -4.32 -10.15 6.94
N ASP A 151 -3.13 -9.57 6.93
CA ASP A 151 -1.98 -10.23 6.35
C ASP A 151 -1.19 -11.06 7.38
N ARG A 152 -1.26 -12.39 7.26
CA ARG A 152 -0.55 -13.31 8.16
C ARG A 152 0.94 -13.14 8.06
N ASN A 153 1.43 -12.84 6.85
CA ASN A 153 2.88 -12.70 6.62
C ASN A 153 3.45 -11.48 7.31
N LEU A 154 2.76 -10.36 7.16
CA LEU A 154 3.18 -9.16 7.85
C LEU A 154 3.04 -9.31 9.37
N GLY A 155 1.97 -9.95 9.83
CA GLY A 155 1.83 -10.26 11.23
C GLY A 155 2.97 -11.11 11.78
N GLU A 156 3.37 -12.12 11.03
CA GLU A 156 4.43 -13.02 11.42
C GLU A 156 5.80 -12.31 11.43
N TYR A 157 6.00 -11.44 10.46
CA TYR A 157 7.11 -10.50 10.42
C TYR A 157 7.16 -9.62 11.65
N VAL A 158 6.01 -9.05 12.03
CA VAL A 158 5.92 -8.25 13.25
C VAL A 158 6.25 -9.07 14.49
N ALA A 159 5.80 -10.33 14.55
CA ALA A 159 6.10 -11.20 15.72
C ALA A 159 7.59 -11.46 15.86
N GLU A 160 8.22 -11.83 14.77
CA GLU A 160 9.69 -12.03 14.73
C GLU A 160 10.49 -10.82 15.29
N LYS A 161 10.11 -9.64 14.83
CA LYS A 161 10.84 -8.41 15.14
C LYS A 161 10.58 -7.87 16.53
N THR A 162 9.32 -7.96 16.97
CA THR A 162 8.92 -7.46 18.28
C THR A 162 9.08 -8.46 19.42
N GLY A 163 9.02 -9.75 19.13
CA GLY A 163 8.96 -10.79 20.18
C GLY A 163 7.59 -10.99 20.84
N LYS A 164 6.61 -10.17 20.45
CA LYS A 164 5.25 -10.28 20.96
C LYS A 164 4.46 -11.37 20.26
N LYS A 165 3.40 -11.81 20.93
CA LYS A 165 2.49 -12.80 20.38
C LYS A 165 1.51 -12.07 19.46
N VAL A 166 1.44 -12.50 18.20
CA VAL A 166 0.65 -11.83 17.17
C VAL A 166 -0.35 -12.85 16.68
N ILE A 167 -1.60 -12.74 17.13
CA ILE A 167 -2.66 -13.65 16.70
CA ILE A 167 -2.70 -13.63 16.71
C ILE A 167 -3.20 -13.10 15.36
N THR A 168 -2.92 -13.85 14.28
CA THR A 168 -3.29 -13.42 12.93
C THR A 168 -4.69 -13.85 12.55
N ILE A 169 -5.41 -12.94 11.88
CA ILE A 169 -6.75 -13.22 11.37
C ILE A 169 -6.88 -12.55 9.97
N PRO A 170 -7.59 -13.16 9.02
CA PRO A 170 -8.19 -14.51 9.16
C PRO A 170 -7.13 -15.60 9.12
N GLU A 171 -7.58 -16.85 9.13
CA GLU A 171 -6.67 -18.00 9.03
C GLU A 171 -5.45 -17.85 8.09
N ASN A 172 -5.71 -17.68 6.80
CA ASN A 172 -4.63 -17.67 5.81
C ASN A 172 -4.68 -16.40 4.97
N GLY A 173 -4.86 -15.25 5.62
CA GLY A 173 -4.81 -13.96 4.90
C GLY A 173 -3.44 -13.68 4.28
N HIS A 174 -3.39 -13.52 2.97
CA HIS A 174 -2.10 -13.31 2.29
C HIS A 174 -2.32 -12.66 0.96
N CYS A 175 -1.27 -12.00 0.48
CA CYS A 175 -1.31 -11.35 -0.81
C CYS A 175 -0.76 -12.32 -1.85
N PRO A 176 -1.57 -12.72 -2.85
CA PRO A 176 -1.10 -13.68 -3.89
C PRO A 176 0.02 -13.13 -4.79
N VAL A 177 0.05 -11.81 -4.98
CA VAL A 177 1.09 -11.13 -5.76
C VAL A 177 2.49 -11.32 -5.16
N HIS A 178 2.59 -11.39 -3.84
CA HIS A 178 3.88 -11.45 -3.15
C HIS A 178 4.29 -12.88 -2.78
N GLN A 179 3.58 -13.86 -3.32
CA GLN A 179 3.95 -15.27 -3.11
C GLN A 179 5.04 -15.76 -4.07
N PHE A 180 6.24 -15.17 -3.95
CA PHE A 180 7.39 -15.57 -4.74
C PHE A 180 7.91 -16.89 -4.19
N ASN A 181 8.70 -17.59 -5.00
CA ASN A 181 9.38 -18.79 -4.56
C ASN A 181 10.78 -18.40 -4.11
N ALA A 182 11.19 -18.97 -2.99
CA ALA A 182 12.53 -18.76 -2.47
C ALA A 182 13.62 -19.24 -3.42
N GLU A 183 13.31 -20.23 -4.26
CA GLU A 183 14.25 -20.73 -5.27
C GLU A 183 14.65 -19.64 -6.28
N SER A 184 13.78 -18.66 -6.52
CA SER A 184 14.09 -17.52 -7.36
C SER A 184 15.24 -16.69 -6.80
N ILE A 185 15.30 -16.57 -5.47
CA ILE A 185 16.39 -15.88 -4.79
C ILE A 185 17.67 -16.72 -4.92
N ASP A 186 17.59 -18.04 -4.67
CA ASP A 186 18.72 -18.93 -4.92
C ASP A 186 19.29 -18.74 -6.33
N ALA A 187 18.41 -18.73 -7.33
CA ALA A 187 18.83 -18.61 -8.72
C ALA A 187 19.48 -17.29 -9.01
N VAL A 188 18.91 -16.23 -8.46
CA VAL A 188 19.41 -14.91 -8.75
C VAL A 188 20.72 -14.63 -8.03
N ARG A 189 20.94 -15.29 -6.91
CA ARG A 189 22.23 -15.25 -6.23
C ARG A 189 23.33 -15.80 -7.16
N LYS A 190 23.05 -16.90 -7.84
CA LYS A 190 23.98 -17.48 -8.84
C LYS A 190 24.23 -16.55 -10.01
N LYS A 191 23.17 -16.05 -10.60
CA LYS A 191 23.24 -15.17 -11.77
C LYS A 191 23.92 -13.83 -11.50
N TYR A 192 23.62 -13.22 -10.35
CA TYR A 192 24.19 -11.93 -9.92
C TYR A 192 24.68 -12.00 -8.45
N PRO A 193 25.85 -12.59 -8.21
CA PRO A 193 26.31 -12.82 -6.83
C PRO A 193 26.57 -11.57 -5.96
N ASP A 194 26.70 -10.40 -6.58
CA ASP A 194 26.80 -9.12 -5.86
C ASP A 194 25.51 -8.25 -5.85
N ALA A 195 24.38 -8.79 -6.33
CA ALA A 195 23.12 -8.05 -6.30
C ALA A 195 22.59 -8.09 -4.89
N LYS A 196 21.90 -7.00 -4.52
CA LYS A 196 21.17 -6.99 -3.25
C LYS A 196 19.69 -7.30 -3.49
N VAL A 197 19.17 -8.26 -2.75
CA VAL A 197 17.76 -8.66 -2.84
C VAL A 197 16.86 -7.92 -1.84
N ILE A 198 15.84 -7.24 -2.35
CA ILE A 198 14.89 -6.48 -1.54
C ILE A 198 13.52 -7.04 -1.75
N VAL A 199 12.84 -7.44 -0.68
CA VAL A 199 11.46 -7.94 -0.75
C VAL A 199 10.54 -7.26 0.23
N HIS A 200 9.24 -7.44 0.00
CA HIS A 200 8.21 -6.90 0.85
C HIS A 200 7.90 -7.83 2.00
N PRO A 201 7.52 -7.28 3.17
CA PRO A 201 7.12 -8.15 4.26
C PRO A 201 5.83 -8.93 4.06
N GLU A 202 5.05 -8.58 3.06
CA GLU A 202 3.94 -9.43 2.63
C GLU A 202 4.40 -10.75 2.02
N CYS A 203 5.68 -10.87 1.65
CA CYS A 203 6.22 -12.12 1.12
C CYS A 203 6.29 -13.18 2.23
N PRO A 204 6.19 -14.47 1.86
CA PRO A 204 6.32 -15.54 2.88
C PRO A 204 7.72 -15.65 3.54
N LYS A 205 7.77 -16.22 4.73
CA LYS A 205 8.98 -16.26 5.54
C LYS A 205 10.24 -16.75 4.82
N PRO A 206 10.15 -17.83 4.00
CA PRO A 206 11.37 -18.31 3.36
C PRO A 206 11.96 -17.29 2.39
N VAL A 207 11.07 -16.52 1.76
CA VAL A 207 11.49 -15.48 0.84
C VAL A 207 12.13 -14.35 1.64
N ARG A 208 11.47 -13.91 2.71
CA ARG A 208 11.97 -12.83 3.59
C ARG A 208 13.35 -13.16 4.15
N ASP A 209 13.47 -14.37 4.68
CA ASP A 209 14.71 -14.82 5.29
C ASP A 209 15.90 -14.87 4.36
N LYS A 210 15.72 -15.07 3.07
CA LYS A 210 16.83 -15.07 2.13
C LYS A 210 17.12 -13.71 1.49
N ALA A 211 16.39 -12.68 1.87
CA ALA A 211 16.59 -11.34 1.28
C ALA A 211 17.61 -10.57 2.07
N ASP A 212 18.24 -9.62 1.41
CA ASP A 212 19.18 -8.72 2.10
C ASP A 212 18.39 -7.67 2.88
N TYR A 213 17.28 -7.20 2.30
CA TYR A 213 16.39 -6.20 2.89
C TYR A 213 14.91 -6.61 2.79
N VAL A 214 14.15 -6.39 3.86
CA VAL A 214 12.70 -6.55 3.88
C VAL A 214 12.15 -5.18 4.21
N GLY A 215 11.22 -4.68 3.38
CA GLY A 215 10.60 -3.38 3.67
C GLY A 215 9.45 -3.01 2.75
N SER A 216 8.68 -2.01 3.17
CA SER A 216 7.62 -1.38 2.36
C SER A 216 8.20 -0.87 1.07
N THR A 217 7.35 -0.57 0.10
CA THR A 217 7.87 -0.09 -1.17
C THR A 217 8.54 1.29 -1.01
N GLY A 218 8.01 2.10 -0.10
CA GLY A 218 8.64 3.40 0.24
C GLY A 218 10.07 3.21 0.77
N GLN A 219 10.24 2.20 1.62
CA GLN A 219 11.57 1.85 2.16
C GLN A 219 12.51 1.36 1.07
N MET A 220 11.99 0.55 0.16
CA MET A 220 12.72 0.06 -1.01
C MET A 220 13.33 1.18 -1.83
N GLU A 221 12.53 2.20 -2.09
CA GLU A 221 12.97 3.35 -2.88
C GLU A 221 14.10 4.13 -2.17
N LYS A 222 14.23 3.98 -0.86
CA LYS A 222 15.31 4.62 -0.12
C LYS A 222 16.59 3.80 0.02
N ILE A 223 16.52 2.50 -0.17
CA ILE A 223 17.71 1.68 0.08
C ILE A 223 18.92 2.08 -0.80
N PRO A 224 18.70 2.41 -2.09
CA PRO A 224 19.83 2.79 -2.93
C PRO A 224 20.51 4.09 -2.56
N GLU A 225 19.91 4.91 -1.68
CA GLU A 225 20.53 6.13 -1.17
C GLU A 225 21.69 5.83 -0.23
N ARG A 226 21.71 4.63 0.35
CA ARG A 226 22.71 4.21 1.31
C ARG A 226 23.45 2.93 0.94
N ASP A 227 22.93 2.15 -0.01
CA ASP A 227 23.57 0.92 -0.47
C ASP A 227 24.02 1.18 -1.90
N PRO A 228 25.35 1.12 -2.15
CA PRO A 228 25.91 1.47 -3.46
C PRO A 228 25.77 0.42 -4.54
N SER A 229 25.21 -0.75 -4.23
CA SER A 229 25.09 -1.89 -5.15
C SER A 229 24.62 -1.51 -6.56
N ARG A 230 25.24 -2.12 -7.56
CA ARG A 230 24.92 -1.80 -8.95
C ARG A 230 23.59 -2.42 -9.36
N ILE A 231 23.27 -3.57 -8.79
CA ILE A 231 22.12 -4.37 -9.15
C ILE A 231 21.26 -4.63 -7.90
N PHE A 232 19.96 -4.43 -8.05
CA PHE A 232 18.99 -4.75 -7.01
C PHE A 232 17.94 -5.69 -7.58
N VAL A 233 17.63 -6.74 -6.83
CA VAL A 233 16.57 -7.67 -7.17
C VAL A 233 15.35 -7.39 -6.26
N ILE A 234 14.17 -7.25 -6.89
CA ILE A 234 13.02 -6.61 -6.27
C ILE A 234 11.87 -7.57 -6.20
N GLY A 235 11.51 -7.94 -4.97
CA GLY A 235 10.38 -8.82 -4.68
C GLY A 235 9.16 -8.06 -4.22
N THR A 236 8.56 -7.36 -5.18
CA THR A 236 7.25 -6.75 -5.02
C THR A 236 6.59 -6.65 -6.39
N GLU A 237 5.49 -5.91 -6.45
CA GLU A 237 4.68 -5.85 -7.66
C GLU A 237 5.42 -5.06 -8.73
N ILE A 238 5.21 -5.47 -9.98
CA ILE A 238 6.03 -5.03 -11.13
C ILE A 238 6.12 -3.52 -11.28
N GLY A 239 5.07 -2.80 -10.91
CA GLY A 239 5.03 -1.36 -11.06
C GLY A 239 6.15 -0.65 -10.31
N MET A 240 6.66 -1.30 -9.24
CA MET A 240 7.74 -0.70 -8.48
C MET A 240 9.03 -0.58 -9.30
N ILE A 241 9.24 -1.46 -10.27
CA ILE A 241 10.47 -1.45 -11.07
C ILE A 241 10.56 -0.12 -11.80
N HIS A 242 9.46 0.30 -12.41
CA HIS A 242 9.42 1.58 -13.12
C HIS A 242 9.83 2.74 -12.22
N LYS A 243 9.24 2.76 -11.04
CA LYS A 243 9.49 3.84 -10.06
C LYS A 243 10.97 3.85 -9.70
N LEU A 244 11.51 2.67 -9.38
CA LEU A 244 12.93 2.54 -9.02
C LEU A 244 13.87 2.98 -10.16
N LYS A 245 13.63 2.47 -11.35
CA LYS A 245 14.42 2.83 -12.52
C LYS A 245 14.42 4.35 -12.76
N LYS A 246 13.29 5.00 -12.55
CA LYS A 246 13.20 6.45 -12.70
C LYS A 246 13.99 7.18 -11.62
N LYS A 247 13.93 6.70 -10.39
CA LYS A 247 14.65 7.33 -9.30
C LYS A 247 16.17 7.18 -9.38
N PHE A 248 16.61 5.99 -9.83
CA PHE A 248 18.01 5.61 -9.86
C PHE A 248 18.37 5.05 -11.23
N PRO A 249 18.43 5.91 -12.26
CA PRO A 249 18.71 5.42 -13.61
C PRO A 249 20.07 4.76 -13.76
N ASP A 250 20.97 5.08 -12.84
CA ASP A 250 22.36 4.56 -12.73
CA ASP A 250 22.30 4.49 -12.90
C ASP A 250 22.50 3.08 -12.21
N ARG A 251 21.38 2.53 -11.72
CA ARG A 251 21.38 1.16 -11.18
C ARG A 251 20.48 0.28 -12.02
N GLU A 252 20.63 -1.02 -11.85
CA GLU A 252 19.80 -1.98 -12.54
C GLU A 252 18.80 -2.57 -11.50
N PHE A 253 17.53 -2.65 -11.88
CA PHE A 253 16.47 -3.26 -11.05
C PHE A 253 15.83 -4.44 -11.75
N VAL A 254 15.98 -5.61 -11.14
CA VAL A 254 15.54 -6.87 -11.70
C VAL A 254 14.41 -7.49 -10.90
N PRO A 255 13.26 -7.77 -11.54
CA PRO A 255 12.17 -8.34 -10.77
C PRO A 255 12.56 -9.69 -10.22
N LEU A 256 12.21 -9.98 -8.98
CA LEU A 256 12.53 -11.28 -8.44
C LEU A 256 11.83 -12.29 -9.32
N GLU A 257 10.52 -12.08 -9.52
CA GLU A 257 9.68 -12.73 -10.55
C GLU A 257 8.72 -11.66 -11.06
N MET A 258 8.04 -11.94 -12.16
CA MET A 258 7.01 -11.04 -12.69
C MET A 258 5.82 -11.25 -11.78
N ALA A 259 5.36 -10.19 -11.13
CA ALA A 259 4.16 -10.26 -10.31
C ALA A 259 3.29 -9.03 -10.58
N VAL A 260 2.02 -9.28 -10.86
CA VAL A 260 1.10 -8.24 -11.27
C VAL A 260 -0.13 -8.25 -10.34
N CYS A 261 -0.53 -7.07 -9.88
CA CYS A 261 -1.76 -6.92 -9.10
C CYS A 261 -2.82 -6.48 -10.10
N VAL A 262 -3.70 -7.43 -10.44
CA VAL A 262 -4.72 -7.22 -11.43
C VAL A 262 -5.59 -6.02 -11.05
N ASN A 263 -5.85 -5.88 -9.76
CA ASN A 263 -6.63 -4.76 -9.29
C ASN A 263 -5.96 -3.42 -9.46
N MET A 264 -4.67 -3.37 -9.23
CA MET A 264 -3.93 -2.14 -9.44
C MET A 264 -3.90 -1.71 -10.91
N LYS A 265 -3.96 -2.69 -11.83
CA LYS A 265 -3.98 -2.42 -13.28
C LYS A 265 -5.34 -2.00 -13.87
N LYS A 266 -6.40 -1.98 -13.04
CA LYS A 266 -7.71 -1.55 -13.50
C LYS A 266 -7.78 -0.09 -13.88
N ASN A 267 -6.91 0.75 -13.32
CA ASN A 267 -6.85 2.15 -13.73
C ASN A 267 -5.98 2.25 -14.99
N THR A 268 -6.47 3.05 -15.93
CA THR A 268 -5.88 3.17 -17.26
C THR A 268 -5.88 4.66 -17.61
N LEU A 269 -5.13 5.05 -18.62
CA LEU A 269 -5.17 6.44 -19.06
C LEU A 269 -6.60 6.83 -19.42
N GLU A 270 -7.26 5.94 -20.15
CA GLU A 270 -8.58 6.24 -20.65
C GLU A 270 -9.60 6.49 -19.53
N ASN A 271 -9.69 5.57 -18.57
CA ASN A 271 -10.67 5.74 -17.49
C ASN A 271 -10.25 6.82 -16.50
N THR A 272 -8.95 7.09 -16.44
CA THR A 272 -8.43 8.25 -15.68
C THR A 272 -8.88 9.59 -16.30
N LEU A 273 -8.74 9.72 -17.62
CA LEU A 273 -9.24 10.90 -18.32
C LEU A 273 -10.75 11.07 -18.10
N HIS A 274 -11.49 9.99 -18.27
CA HIS A 274 -12.93 10.00 -18.12
C HIS A 274 -13.33 10.43 -16.72
N ALA A 275 -12.55 9.99 -15.73
CA ALA A 275 -12.80 10.40 -14.35
C ALA A 275 -12.71 11.91 -14.17
N LEU A 276 -11.73 12.54 -14.82
CA LEU A 276 -11.55 14.01 -14.73
C LEU A 276 -12.61 14.76 -15.53
N GLN A 277 -12.97 14.20 -16.68
CA GLN A 277 -14.06 14.74 -17.48
C GLN A 277 -15.40 14.76 -16.71
N THR A 278 -15.74 13.66 -16.04
CA THR A 278 -17.03 13.55 -15.36
C THR A 278 -16.99 13.87 -13.87
N GLU A 279 -15.80 14.10 -13.32
CA GLU A 279 -15.57 14.15 -11.88
C GLU A 279 -16.24 13.00 -11.10
N SER A 280 -16.04 11.77 -11.58
CA SER A 280 -16.57 10.54 -10.93
C SER A 280 -15.53 9.38 -11.01
N PHE A 281 -15.65 8.30 -10.23
CA PHE A 281 -16.65 8.06 -9.18
C PHE A 281 -16.22 8.61 -7.83
N GLU A 282 -17.08 9.38 -7.20
CA GLU A 282 -16.82 9.91 -5.89
C GLU A 282 -16.74 8.79 -4.86
N VAL A 283 -15.77 8.92 -3.96
CA VAL A 283 -15.62 8.05 -2.80
C VAL A 283 -16.52 8.65 -1.73
N ILE A 284 -17.50 7.87 -1.30
CA ILE A 284 -18.51 8.30 -0.35
C ILE A 284 -18.56 7.25 0.73
N LEU A 285 -18.50 7.67 1.99
CA LEU A 285 -18.60 6.77 3.15
C LEU A 285 -19.65 7.28 4.13
N PRO A 286 -20.38 6.39 4.82
CA PRO A 286 -21.27 6.81 5.93
C PRO A 286 -20.51 7.66 6.92
N LYS A 287 -21.17 8.68 7.49
CA LYS A 287 -20.53 9.59 8.47
C LYS A 287 -19.98 8.89 9.69
N GLU A 288 -20.73 7.90 10.18
CA GLU A 288 -20.34 7.09 11.33
C GLU A 288 -19.01 6.39 11.10
N VAL A 289 -18.86 5.79 9.91
CA VAL A 289 -17.62 5.08 9.53
C VAL A 289 -16.40 6.03 9.50
N ILE A 290 -16.53 7.21 8.88
CA ILE A 290 -15.49 8.25 8.95
C ILE A 290 -15.15 8.64 10.41
N GLU A 291 -16.17 8.89 11.22
CA GLU A 291 -15.99 9.22 12.64
C GLU A 291 -15.19 8.12 13.37
N LYS A 292 -15.63 6.87 13.21
CA LYS A 292 -15.04 5.76 13.97
C LYS A 292 -13.69 5.28 13.44
N ALA A 293 -13.49 5.36 12.14
CA ALA A 293 -12.25 4.94 11.50
C ALA A 293 -11.11 5.95 11.59
N LYS A 294 -11.39 7.24 11.76
CA LYS A 294 -10.27 8.18 11.86
C LYS A 294 -9.45 7.95 13.13
N LYS A 295 -10.11 7.56 14.19
CA LYS A 295 -9.42 7.22 15.44
C LYS A 295 -8.16 6.36 15.30
N PRO A 296 -8.31 5.12 14.83
CA PRO A 296 -7.12 4.28 14.74
C PRO A 296 -6.13 4.75 13.69
N ILE A 297 -6.60 5.43 12.67
CA ILE A 297 -5.68 5.98 11.67
C ILE A 297 -4.79 7.08 12.28
N LEU A 298 -5.39 8.05 12.96
CA LEU A 298 -4.63 9.08 13.65
C LEU A 298 -3.76 8.50 14.77
N ARG A 299 -4.26 7.47 15.44
CA ARG A 299 -3.45 6.78 16.46
C ARG A 299 -2.10 6.25 15.90
N MET A 300 -2.13 5.83 14.63
CA MET A 300 -0.95 5.32 13.94
C MET A 300 0.14 6.37 13.91
N PHE A 301 -0.22 7.58 13.51
CA PHE A 301 0.73 8.69 13.45
C PHE A 301 1.21 9.13 14.81
N GLU A 302 0.36 9.00 15.83
CA GLU A 302 0.72 9.29 17.23
C GLU A 302 1.78 8.34 17.80
N LEU A 303 1.65 7.06 17.47
CA LEU A 303 2.60 6.05 17.91
C LEU A 303 3.89 6.02 17.07
N MET A 304 3.94 6.82 16.02
CA MET A 304 5.08 6.91 15.15
C MET A 304 6.01 8.07 15.53
N GLY A 305 6.93 8.39 14.62
CA GLY A 305 7.81 9.54 14.78
C GLY A 305 8.29 10.08 13.44
FE1 SF4 B . -1.44 -7.62 -2.87
FE2 SF4 B . -2.73 -5.99 -4.68
FE3 SF4 B . -1.23 -4.85 -2.43
FE4 SF4 B . -3.68 -6.23 -2.11
S1 SF4 B . -3.46 -4.30 -3.26
S2 SF4 B . -1.71 -6.51 -0.85
S3 SF4 B . -3.54 -7.96 -3.71
S4 SF4 B . -0.41 -6.13 -4.26
C1 PGH C . 1.10 -3.22 -1.09
C2 PGH C . 2.41 -2.62 -0.68
N2 PGH C . 1.27 -4.38 -1.68
O2 PGH C . 0.39 -5.40 -1.39
O1 PGH C . 0.02 -2.73 -0.81
O1P PGH C . 2.21 -1.61 0.30
O2P PGH C . 4.56 -1.13 0.73
O3P PGH C . 2.69 0.43 1.51
O4P PGH C . 3.24 0.22 -0.96
P PGH C . 3.28 -0.43 0.41
P PO4 D . 3.20 -0.61 0.36
O1 PO4 D . 4.56 -1.04 0.73
O2 PO4 D . 3.26 0.14 -0.92
O3 PO4 D . 2.33 -1.81 0.19
O4 PO4 D . 2.60 0.28 1.41
P PO4 E . 9.79 10.62 3.24
O1 PO4 E . 10.95 10.84 2.33
O2 PO4 E . 10.25 10.88 4.65
O3 PO4 E . 9.26 9.20 3.18
O4 PO4 E . 8.66 11.54 2.84
CL CL F . 21.05 -1.25 6.90
CL CL F . 19.13 -1.74 6.85
#